data_2VPO
#
_entry.id   2VPO
#
_cell.length_a   48.600
_cell.length_b   52.100
_cell.length_c   63.700
_cell.angle_alpha   80.80
_cell.angle_beta   85.70
_cell.angle_gamma   78.00
#
_symmetry.space_group_name_H-M   'P 1'
#
loop_
_entity.id
_entity.type
_entity.pdbx_description
1 polymer 'PERIPLASMIC SUBSTRATE BINDING PROTEIN'
2 non-polymer '(4S,5S)-5-HYDROXY-2-METHYL-1,4,5,6-TETRAHYDROPYRIMIDINE-4-CARBOXYLIC ACID'
3 non-polymer 'MAGNESIUM ION'
4 water water
#
_entity_poly.entity_id   1
_entity_poly.type   'polypeptide(L)'
_entity_poly.pdbx_seq_one_letter_code
;DNWRYAHEEYEGDVQDVFAQAFKGYVEDNSDHTVQVYRFGELGESDDIMEQTQNGILQFVNQSPGFTGSLIPSAQIFFIP
YLMPTDMDTVLEFFDESKAINEMFPKLYAEHGLELLKMYPEGEMVVTADEPITSPEDFDNKKIRTMTNPLLAETYKAFGA
TPTPLPWGEVYGGLQTGIIDGQENPIFWIESGGLYEVSPNLTFTSHGWFTTAMMANQDFYEGLSEEDQQLVQDAADAAYD
HTIEHIKGLSEESLEKIKAASDEVTVTRLNDEQIQAFKERAPQVEEKFIEMTGEQGQELLDQFKADLKAVQSESEG
;
_entity_poly.pdbx_strand_id   A,B
#
# COMPACT_ATOMS: atom_id res chain seq x y z
N ASP A 1 10.07 -24.39 13.64
CA ASP A 1 11.29 -24.01 12.87
C ASP A 1 11.24 -22.59 12.35
N ASN A 2 12.41 -22.02 12.21
CA ASN A 2 12.58 -20.70 11.60
C ASN A 2 13.19 -20.83 10.20
N TRP A 3 12.46 -20.29 9.25
CA TRP A 3 12.82 -20.32 7.83
C TRP A 3 13.23 -18.94 7.35
N ARG A 4 14.47 -18.83 6.90
CA ARG A 4 15.01 -17.55 6.48
C ARG A 4 14.67 -17.36 4.99
N TYR A 5 14.18 -16.17 4.72
CA TYR A 5 13.68 -15.75 3.36
C TYR A 5 14.23 -14.39 3.01
N ALA A 6 14.92 -14.31 1.87
CA ALA A 6 15.52 -13.07 1.41
C ALA A 6 14.92 -12.67 0.08
N HIS A 7 14.69 -11.38 -0.08
CA HIS A 7 14.33 -10.81 -1.39
C HIS A 7 15.17 -9.57 -1.74
N GLU A 8 14.80 -8.96 -2.86
CA GLU A 8 15.62 -8.00 -3.63
C GLU A 8 15.16 -6.56 -3.41
N GLU A 9 14.08 -6.44 -2.69
CA GLU A 9 13.40 -5.17 -2.58
C GLU A 9 13.31 -4.64 -1.16
N TYR A 10 12.59 -3.54 -1.03
CA TYR A 10 12.46 -2.85 0.26
C TYR A 10 11.09 -3.03 0.83
N GLU A 11 10.95 -2.53 2.03
CA GLU A 11 9.67 -2.61 2.75
C GLU A 11 8.59 -2.03 1.87
N GLY A 12 7.53 -2.79 1.68
CA GLY A 12 6.33 -2.31 0.99
C GLY A 12 6.36 -2.50 -0.51
N ASP A 13 7.52 -2.88 -1.00
CA ASP A 13 7.67 -3.16 -2.43
C ASP A 13 6.97 -4.46 -2.81
N VAL A 14 6.81 -4.67 -4.09
CA VAL A 14 6.04 -5.86 -4.57
C VAL A 14 6.56 -7.18 -4.00
N GLN A 15 7.86 -7.40 -4.07
CA GLN A 15 8.44 -8.64 -3.53
C GLN A 15 8.17 -8.78 -2.03
N ASP A 16 8.07 -7.64 -1.36
CA ASP A 16 7.93 -7.65 0.12
C ASP A 16 6.50 -7.96 0.46
N VAL A 17 5.62 -7.54 -0.43
CA VAL A 17 4.19 -7.80 -0.30
C VAL A 17 3.93 -9.30 -0.37
N PHE A 18 4.62 -9.93 -1.31
CA PHE A 18 4.53 -11.37 -1.52
C PHE A 18 5.10 -12.07 -0.27
N ALA A 19 6.28 -11.62 0.11
CA ALA A 19 7.02 -12.20 1.27
C ALA A 19 6.20 -12.17 2.55
N GLN A 20 5.67 -11.00 2.83
CA GLN A 20 4.97 -10.75 4.07
C GLN A 20 3.72 -11.61 4.13
N ALA A 21 3.12 -11.81 2.97
CA ALA A 21 1.88 -12.60 2.84
C ALA A 21 2.18 -14.07 3.04
N PHE A 22 3.34 -14.45 2.51
CA PHE A 22 3.84 -15.84 2.59
C PHE A 22 4.06 -16.16 4.07
N LYS A 23 4.82 -15.28 4.68
CA LYS A 23 5.18 -15.32 6.11
C LYS A 23 3.93 -15.41 6.97
N GLY A 24 2.94 -14.66 6.54
CA GLY A 24 1.72 -14.48 7.28
C GLY A 24 0.91 -15.76 7.32
N TYR A 25 1.01 -16.48 6.21
CA TYR A 25 0.21 -17.69 6.02
C TYR A 25 0.81 -18.81 6.85
N VAL A 26 2.13 -18.82 6.84
CA VAL A 26 2.88 -19.87 7.51
C VAL A 26 2.67 -19.73 9.00
N GLU A 27 2.75 -18.49 9.44
CA GLU A 27 2.72 -18.17 10.88
C GLU A 27 1.31 -18.40 11.42
N ASP A 28 0.35 -18.25 10.53
CA ASP A 28 -1.07 -18.28 10.92
C ASP A 28 -1.55 -19.70 10.92
N ASN A 29 -0.76 -20.56 10.29
CA ASN A 29 -1.19 -21.95 10.05
C ASN A 29 -0.21 -22.99 10.56
N SER A 30 0.81 -22.52 11.24
CA SER A 30 1.79 -23.42 11.85
C SER A 30 2.51 -22.83 13.04
N ASP A 31 3.51 -23.56 13.50
CA ASP A 31 4.34 -23.17 14.65
C ASP A 31 5.62 -22.56 14.15
N HIS A 32 5.68 -22.48 12.82
CA HIS A 32 6.89 -22.00 12.15
C HIS A 32 6.87 -20.51 12.02
N THR A 33 8.07 -19.96 11.88
CA THR A 33 8.24 -18.58 11.58
C THR A 33 9.05 -18.41 10.33
N VAL A 34 8.77 -17.30 9.66
CA VAL A 34 9.52 -16.88 8.49
C VAL A 34 10.21 -15.58 8.80
N GLN A 35 11.54 -15.62 8.70
CA GLN A 35 12.36 -14.44 8.89
C GLN A 35 12.71 -13.82 7.53
N VAL A 36 12.13 -12.66 7.27
CA VAL A 36 12.30 -11.99 5.95
C VAL A 36 13.38 -10.95 6.00
N TYR A 37 14.33 -11.11 5.09
CA TYR A 37 15.39 -10.14 4.85
C TYR A 37 15.11 -9.36 3.59
N ARG A 38 14.97 -8.06 3.81
CA ARG A 38 14.85 -7.11 2.72
C ARG A 38 16.23 -6.79 2.15
N PHE A 39 16.19 -6.04 1.07
CA PHE A 39 17.43 -5.61 0.39
C PHE A 39 18.40 -5.03 1.40
N GLY A 40 19.56 -5.63 1.38
CA GLY A 40 20.74 -5.18 2.17
C GLY A 40 20.73 -5.64 3.60
N GLU A 41 19.70 -6.38 3.95
CA GLU A 41 19.51 -6.77 5.37
C GLU A 41 20.37 -7.95 5.76
N LEU A 42 21.10 -8.45 4.78
CA LEU A 42 22.04 -9.57 4.99
C LEU A 42 23.48 -9.09 4.99
N ASP A 47 25.33 -12.36 -1.43
CA ASP A 47 24.82 -13.00 -2.66
C ASP A 47 23.71 -13.96 -2.29
N ILE A 48 22.48 -13.51 -2.47
CA ILE A 48 21.35 -14.20 -1.86
C ILE A 48 21.17 -15.57 -2.49
N MET A 49 21.57 -15.68 -3.76
CA MET A 49 21.42 -16.97 -4.46
C MET A 49 22.44 -17.93 -3.90
N GLU A 50 23.65 -17.45 -3.70
CA GLU A 50 24.71 -18.32 -3.20
C GLU A 50 24.28 -18.85 -1.86
N GLN A 51 23.66 -17.97 -1.09
CA GLN A 51 23.33 -18.23 0.32
C GLN A 51 22.19 -19.23 0.42
N THR A 52 21.43 -19.29 -0.65
CA THR A 52 20.31 -20.22 -0.73
C THR A 52 20.83 -21.58 -1.12
N GLN A 53 21.75 -21.57 -2.06
CA GLN A 53 22.29 -22.83 -2.61
C GLN A 53 23.09 -23.60 -1.57
N ASN A 54 23.73 -22.86 -0.69
CA ASN A 54 24.59 -23.44 0.35
C ASN A 54 23.85 -23.58 1.66
N GLY A 55 22.57 -23.32 1.56
CA GLY A 55 21.60 -23.66 2.61
C GLY A 55 21.46 -22.76 3.82
N ILE A 56 22.11 -21.61 3.79
CA ILE A 56 21.90 -20.57 4.83
C ILE A 56 20.47 -20.04 4.83
N LEU A 57 20.02 -19.77 3.62
CA LEU A 57 18.64 -19.35 3.37
C LEU A 57 17.80 -20.50 2.89
N GLN A 58 16.56 -20.52 3.34
CA GLN A 58 15.60 -21.56 2.98
C GLN A 58 14.83 -21.17 1.72
N PHE A 59 14.53 -19.90 1.67
CA PHE A 59 13.73 -19.30 0.54
C PHE A 59 14.39 -18.03 0.05
N VAL A 60 14.24 -17.83 -1.24
CA VAL A 60 14.76 -16.65 -1.87
C VAL A 60 13.82 -16.23 -3.01
N ASN A 61 13.66 -14.93 -3.14
CA ASN A 61 12.98 -14.33 -4.30
C ASN A 61 14.04 -13.64 -5.12
N GLN A 62 14.30 -14.21 -6.29
CA GLN A 62 15.25 -13.59 -7.21
CA GLN A 62 15.30 -13.66 -7.23
C GLN A 62 14.70 -13.50 -8.62
N SER A 63 15.01 -12.39 -9.25
CA SER A 63 14.45 -12.08 -10.54
C SER A 63 15.33 -12.71 -11.59
N PRO A 64 14.73 -13.10 -12.73
CA PRO A 64 15.46 -13.71 -13.82
C PRO A 64 16.57 -12.79 -14.33
N GLY A 65 16.40 -11.52 -14.03
CA GLY A 65 17.32 -10.51 -14.52
C GLY A 65 18.70 -10.75 -13.94
N PHE A 66 18.69 -11.42 -12.81
CA PHE A 66 19.92 -11.81 -12.13
C PHE A 66 20.20 -13.32 -12.32
N THR A 67 19.14 -14.10 -12.25
CA THR A 67 19.25 -15.56 -12.21
C THR A 67 19.65 -16.10 -13.56
N GLY A 68 19.40 -15.26 -14.56
CA GLY A 68 19.59 -15.59 -15.98
C GLY A 68 21.04 -15.90 -16.33
N SER A 69 21.93 -15.48 -15.45
CA SER A 69 23.36 -15.77 -15.62
C SER A 69 23.62 -17.24 -15.24
N LEU A 70 22.97 -17.66 -14.18
CA LEU A 70 23.18 -19.01 -13.63
C LEU A 70 22.29 -20.04 -14.32
N ILE A 71 21.10 -19.59 -14.65
CA ILE A 71 20.11 -20.44 -15.28
C ILE A 71 19.71 -19.83 -16.64
N PRO A 72 20.41 -20.23 -17.70
CA PRO A 72 20.31 -19.44 -18.92
C PRO A 72 18.89 -19.34 -19.51
N SER A 73 18.07 -20.34 -19.22
CA SER A 73 16.71 -20.40 -19.76
C SER A 73 15.84 -19.27 -19.24
N ALA A 74 16.22 -18.79 -18.07
CA ALA A 74 15.47 -17.73 -17.36
C ALA A 74 15.57 -16.42 -18.10
N GLN A 75 16.47 -16.39 -19.06
CA GLN A 75 16.69 -15.19 -19.87
C GLN A 75 15.54 -14.97 -20.88
N ILE A 76 14.63 -15.93 -20.94
CA ILE A 76 13.59 -15.90 -21.99
C ILE A 76 12.75 -14.64 -21.86
N PHE A 77 12.75 -14.13 -20.66
CA PHE A 77 11.84 -13.02 -20.31
C PHE A 77 12.38 -11.71 -20.88
N PHE A 78 13.58 -11.80 -21.41
CA PHE A 78 14.26 -10.58 -21.90
C PHE A 78 14.27 -10.49 -23.40
N ILE A 79 13.49 -11.40 -23.99
CA ILE A 79 13.22 -11.30 -25.42
C ILE A 79 12.16 -10.21 -25.58
N PRO A 80 12.52 -9.09 -26.22
CA PRO A 80 11.51 -8.02 -26.28
C PRO A 80 10.28 -8.39 -27.09
N TYR A 81 9.16 -7.92 -26.58
CA TYR A 81 7.84 -7.96 -27.26
C TYR A 81 7.24 -9.36 -27.34
N LEU A 82 7.83 -10.27 -26.60
CA LEU A 82 7.32 -11.67 -26.52
C LEU A 82 6.08 -11.68 -25.63
N MET A 83 6.17 -10.96 -24.53
CA MET A 83 5.10 -10.96 -23.51
C MET A 83 3.98 -9.99 -23.87
N PRO A 84 2.73 -10.32 -23.54
CA PRO A 84 1.74 -9.30 -23.84
C PRO A 84 1.79 -8.08 -22.94
N THR A 85 1.04 -7.08 -23.35
CA THR A 85 1.08 -5.78 -22.71
C THR A 85 0.01 -5.70 -21.65
N ASP A 86 -1.06 -6.42 -21.90
CA ASP A 86 -2.31 -6.37 -21.08
C ASP A 86 -2.14 -7.15 -19.78
N MET A 87 -2.46 -6.49 -18.67
CA MET A 87 -2.30 -7.10 -17.34
C MET A 87 -3.10 -8.39 -17.24
N ASP A 88 -4.29 -8.34 -17.80
CA ASP A 88 -5.24 -9.46 -17.67
C ASP A 88 -4.67 -10.68 -18.39
N THR A 89 -4.06 -10.41 -19.53
CA THR A 89 -3.54 -11.48 -20.38
C THR A 89 -2.29 -12.05 -19.75
N VAL A 90 -1.50 -11.17 -19.20
CA VAL A 90 -0.26 -11.61 -18.54
C VAL A 90 -0.62 -12.50 -17.36
N LEU A 91 -1.64 -12.10 -16.63
CA LEU A 91 -2.08 -12.87 -15.45
C LEU A 91 -2.57 -14.26 -15.84
N GLU A 92 -3.27 -14.31 -16.95
CA GLU A 92 -3.85 -15.57 -17.45
C GLU A 92 -2.67 -16.45 -17.84
N PHE A 93 -1.67 -15.83 -18.41
CA PHE A 93 -0.49 -16.56 -18.90
C PHE A 93 0.24 -17.18 -17.73
N PHE A 94 0.46 -16.40 -16.69
CA PHE A 94 1.19 -16.89 -15.52
C PHE A 94 0.46 -18.03 -14.82
N ASP A 95 -0.85 -18.05 -14.96
CA ASP A 95 -1.69 -19.01 -14.22
C ASP A 95 -1.69 -20.35 -14.91
N GLU A 96 -1.57 -20.28 -16.23
CA GLU A 96 -1.94 -21.39 -17.14
C GLU A 96 -0.81 -21.93 -18.01
N SER A 97 0.24 -21.14 -18.14
CA SER A 97 1.42 -21.55 -18.94
C SER A 97 2.10 -22.83 -18.42
N LYS A 98 2.30 -23.77 -19.33
CA LYS A 98 3.05 -25.00 -19.00
C LYS A 98 4.53 -24.68 -18.91
N ALA A 99 4.94 -23.66 -19.65
CA ALA A 99 6.32 -23.20 -19.65
C ALA A 99 6.66 -22.78 -18.22
N ILE A 100 5.75 -21.98 -17.68
CA ILE A 100 5.93 -21.39 -16.34
C ILE A 100 5.76 -22.43 -15.24
N ASN A 101 4.72 -23.23 -15.38
CA ASN A 101 4.23 -24.08 -14.30
C ASN A 101 4.78 -25.50 -14.32
N GLU A 102 5.23 -25.95 -15.48
CA GLU A 102 5.81 -27.28 -15.58
C GLU A 102 7.31 -27.28 -15.91
N MET A 103 7.67 -26.51 -16.93
CA MET A 103 9.02 -26.62 -17.49
C MET A 103 10.05 -25.91 -16.62
N PHE A 104 9.69 -24.72 -16.19
CA PHE A 104 10.64 -23.91 -15.45
C PHE A 104 11.04 -24.58 -14.12
N PRO A 105 10.09 -25.24 -13.44
CA PRO A 105 10.50 -25.85 -12.17
C PRO A 105 11.53 -26.94 -12.41
N LYS A 106 11.43 -27.58 -13.57
CA LYS A 106 12.39 -28.62 -13.92
C LYS A 106 13.76 -28.00 -14.07
N LEU A 107 13.75 -26.82 -14.68
CA LEU A 107 15.00 -26.12 -15.06
C LEU A 107 15.72 -25.62 -13.82
N TYR A 108 14.90 -25.21 -12.87
CA TYR A 108 15.44 -24.67 -11.61
C TYR A 108 15.97 -25.79 -10.72
N ALA A 109 15.36 -26.95 -10.88
CA ALA A 109 15.68 -28.11 -10.03
C ALA A 109 17.10 -28.54 -10.34
N GLU A 110 17.53 -28.20 -11.54
CA GLU A 110 18.84 -28.64 -12.04
C GLU A 110 19.90 -27.89 -11.27
N HIS A 111 19.47 -26.86 -10.55
CA HIS A 111 20.41 -25.98 -9.83
C HIS A 111 20.16 -26.04 -8.34
N GLY A 112 19.32 -26.99 -7.99
CA GLY A 112 19.03 -27.35 -6.62
C GLY A 112 18.07 -26.38 -5.96
N LEU A 113 17.17 -25.86 -6.77
CA LEU A 113 16.11 -24.98 -6.29
C LEU A 113 14.76 -25.56 -6.62
N GLU A 114 13.87 -25.39 -5.66
CA GLU A 114 12.47 -25.74 -5.77
C GLU A 114 11.68 -24.49 -6.08
N LEU A 115 11.40 -24.32 -7.37
CA LEU A 115 10.63 -23.18 -7.85
C LEU A 115 9.22 -23.31 -7.33
N LEU A 116 8.81 -22.31 -6.55
CA LEU A 116 7.48 -22.29 -5.94
C LEU A 116 6.49 -21.44 -6.70
N LYS A 117 6.92 -20.25 -7.10
CA LYS A 117 6.07 -19.29 -7.87
C LYS A 117 6.88 -18.37 -8.75
N MET A 118 6.32 -18.09 -9.92
CA MET A 118 6.80 -16.99 -10.76
C MET A 118 5.64 -16.03 -10.90
N TYR A 119 5.96 -14.76 -10.78
CA TYR A 119 4.94 -13.71 -10.84
C TYR A 119 5.49 -12.43 -11.44
N PRO A 120 4.62 -11.64 -12.06
CA PRO A 120 4.97 -10.38 -12.63
C PRO A 120 4.84 -9.30 -11.61
N GLU A 121 5.62 -8.27 -11.83
CA GLU A 121 5.69 -7.10 -10.94
C GLU A 121 5.11 -5.84 -11.51
N GLY A 122 5.32 -5.68 -12.81
CA GLY A 122 4.97 -4.49 -13.56
C GLY A 122 5.62 -4.39 -14.91
N GLU A 123 4.98 -3.64 -15.80
CA GLU A 123 5.52 -3.41 -17.14
C GLU A 123 6.82 -2.65 -16.98
N MET A 124 7.77 -2.98 -17.84
CA MET A 124 9.08 -2.27 -17.86
C MET A 124 8.90 -0.92 -18.51
N VAL A 125 9.53 0.07 -17.89
CA VAL A 125 9.54 1.43 -18.37
C VAL A 125 10.95 1.96 -18.38
N VAL A 126 11.28 2.62 -19.47
CA VAL A 126 12.62 3.19 -19.61
C VAL A 126 12.61 4.57 -19.01
N THR A 127 13.68 4.88 -18.30
CA THR A 127 13.95 6.25 -17.87
C THR A 127 15.32 6.67 -18.35
N ALA A 128 15.41 7.93 -18.75
CA ALA A 128 16.67 8.45 -19.27
C ALA A 128 16.71 9.94 -19.23
N ASP A 129 17.77 10.46 -19.81
CA ASP A 129 18.08 11.89 -19.74
C ASP A 129 17.44 12.61 -20.90
N GLU A 130 16.68 11.85 -21.66
CA GLU A 130 15.78 12.39 -22.69
C GLU A 130 14.69 11.37 -23.08
N PRO A 131 13.62 11.84 -23.74
CA PRO A 131 12.65 10.86 -24.25
C PRO A 131 13.27 10.02 -25.33
N ILE A 132 12.85 8.77 -25.38
CA ILE A 132 13.36 7.80 -26.35
C ILE A 132 12.24 7.26 -27.23
N THR A 133 12.11 7.81 -28.42
CA THR A 133 10.98 7.47 -29.29
C THR A 133 11.35 6.50 -30.37
N SER A 134 12.65 6.27 -30.45
CA SER A 134 13.22 5.43 -31.52
C SER A 134 14.57 4.83 -31.15
N PRO A 135 14.95 3.76 -31.83
CA PRO A 135 16.22 3.13 -31.52
C PRO A 135 17.32 4.16 -31.64
N GLU A 136 17.11 5.10 -32.55
CA GLU A 136 18.12 6.13 -32.88
C GLU A 136 18.43 6.96 -31.66
N ASP A 137 17.43 7.10 -30.81
CA ASP A 137 17.50 7.98 -29.64
C ASP A 137 18.36 7.31 -28.58
N PHE A 138 18.56 6.02 -28.75
CA PHE A 138 19.36 5.25 -27.78
C PHE A 138 20.86 5.44 -28.03
N ASP A 139 21.16 5.91 -29.21
CA ASP A 139 22.56 5.98 -29.66
C ASP A 139 23.42 6.73 -28.67
N ASN A 140 24.50 6.05 -28.30
CA ASN A 140 25.54 6.59 -27.42
C ASN A 140 25.06 6.79 -26.00
N LYS A 141 23.88 6.24 -25.73
CA LYS A 141 23.37 6.19 -24.35
C LYS A 141 23.76 4.94 -23.59
N LYS A 142 24.36 5.18 -22.43
CA LYS A 142 24.72 4.11 -21.47
C LYS A 142 23.53 3.78 -20.59
N ILE A 143 22.92 2.67 -20.92
CA ILE A 143 21.70 2.20 -20.23
C ILE A 143 22.04 1.03 -19.31
N ARG A 144 21.67 1.21 -18.06
CA ARG A 144 21.89 0.17 -17.06
C ARG A 144 20.92 -0.97 -17.26
N THR A 145 21.48 -2.17 -17.17
CA THR A 145 20.71 -3.42 -17.17
C THR A 145 21.05 -4.21 -15.94
N MET A 146 20.13 -5.10 -15.57
CA MET A 146 20.46 -6.19 -14.64
C MET A 146 21.45 -7.06 -15.33
N THR A 147 22.03 -7.97 -14.56
CA THR A 147 23.28 -8.61 -14.92
C THR A 147 23.02 -9.99 -15.42
N ASN A 148 22.36 -10.04 -16.55
CA ASN A 148 22.33 -11.25 -17.39
C ASN A 148 22.62 -10.95 -18.86
N PRO A 149 23.22 -11.92 -19.55
CA PRO A 149 23.87 -11.61 -20.81
C PRO A 149 22.87 -11.23 -21.89
N LEU A 150 21.71 -11.85 -21.86
CA LEU A 150 20.78 -11.67 -22.98
C LEU A 150 20.24 -10.28 -22.91
N LEU A 151 20.19 -9.79 -21.68
CA LEU A 151 19.53 -8.51 -21.40
C LEU A 151 20.41 -7.41 -21.98
N ALA A 152 21.70 -7.66 -21.92
CA ALA A 152 22.67 -6.72 -22.51
C ALA A 152 22.44 -6.68 -24.03
N GLU A 153 22.15 -7.85 -24.57
CA GLU A 153 22.05 -8.04 -26.03
C GLU A 153 20.82 -7.31 -26.51
N THR A 154 19.84 -7.30 -25.64
CA THR A 154 18.56 -6.65 -25.96
C THR A 154 18.79 -5.17 -26.18
N TYR A 155 19.46 -4.59 -25.19
CA TYR A 155 19.75 -3.15 -25.21
C TYR A 155 20.70 -2.77 -26.34
N LYS A 156 21.66 -3.66 -26.62
CA LYS A 156 22.58 -3.42 -27.73
C LYS A 156 21.77 -3.40 -29.03
N ALA A 157 20.80 -4.30 -29.10
CA ALA A 157 19.93 -4.43 -30.30
C ALA A 157 19.11 -3.17 -30.50
N PHE A 158 18.82 -2.54 -29.37
CA PHE A 158 17.98 -1.34 -29.32
C PHE A 158 18.80 -0.11 -29.66
N GLY A 159 20.10 -0.31 -29.73
CA GLY A 159 21.06 0.75 -30.09
C GLY A 159 21.82 1.41 -28.95
N ALA A 160 21.48 1.02 -27.74
CA ALA A 160 22.18 1.52 -26.53
C ALA A 160 23.52 0.88 -26.27
N THR A 161 24.19 1.43 -25.28
CA THR A 161 25.41 0.84 -24.72
C THR A 161 25.09 0.21 -23.39
N PRO A 162 24.86 -1.11 -23.37
CA PRO A 162 24.45 -1.65 -22.08
C PRO A 162 25.57 -1.62 -21.08
N THR A 163 25.18 -1.24 -19.87
CA THR A 163 26.06 -1.14 -18.73
C THR A 163 25.44 -1.96 -17.58
N PRO A 164 25.81 -3.24 -17.50
CA PRO A 164 25.12 -4.01 -16.49
C PRO A 164 25.72 -3.69 -15.14
N LEU A 165 24.83 -3.44 -14.20
CA LEU A 165 25.21 -3.13 -12.81
C LEU A 165 24.23 -3.69 -11.79
N PRO A 166 24.73 -3.99 -10.57
CA PRO A 166 23.93 -4.24 -9.37
C PRO A 166 23.07 -3.06 -8.99
N TRP A 167 21.97 -3.33 -8.32
CA TRP A 167 20.98 -2.29 -8.03
C TRP A 167 21.58 -1.15 -7.21
N GLY A 168 22.53 -1.55 -6.39
CA GLY A 168 23.07 -0.65 -5.37
C GLY A 168 23.72 0.54 -6.00
N GLU A 169 24.12 0.33 -7.24
CA GLU A 169 25.00 1.26 -7.96
C GLU A 169 24.21 2.25 -8.82
N VAL A 170 22.92 2.01 -8.94
CA VAL A 170 22.13 2.69 -10.01
C VAL A 170 21.77 4.16 -9.75
N TYR A 171 21.25 4.47 -8.56
CA TYR A 171 20.86 5.86 -8.27
C TYR A 171 22.05 6.80 -8.43
N GLY A 172 23.12 6.43 -7.77
CA GLY A 172 24.34 7.24 -7.76
C GLY A 172 24.87 7.41 -9.17
N GLY A 173 24.82 6.32 -9.89
CA GLY A 173 25.34 6.28 -11.25
C GLY A 173 24.59 7.21 -12.16
N LEU A 174 23.30 7.32 -11.90
CA LEU A 174 22.46 8.18 -12.73
C LEU A 174 22.77 9.63 -12.35
N GLN A 175 23.03 9.81 -11.07
CA GLN A 175 23.15 11.16 -10.51
C GLN A 175 24.39 11.83 -11.06
N THR A 176 25.42 11.04 -11.31
CA THR A 176 26.72 11.59 -11.70
C THR A 176 27.13 11.20 -13.12
N GLY A 177 26.17 10.66 -13.84
CA GLY A 177 26.31 10.43 -15.30
C GLY A 177 27.17 9.26 -15.71
N ILE A 178 27.43 8.38 -14.77
CA ILE A 178 28.06 7.07 -15.07
C ILE A 178 27.20 6.28 -16.06
N ILE A 179 25.90 6.48 -15.89
CA ILE A 179 24.86 5.91 -16.78
C ILE A 179 23.85 6.98 -17.14
N ASP A 180 23.23 6.79 -18.30
CA ASP A 180 22.31 7.77 -18.89
C ASP A 180 20.86 7.41 -18.65
N GLY A 181 20.64 6.15 -18.32
CA GLY A 181 19.30 5.66 -17.98
C GLY A 181 19.25 4.25 -17.48
N GLN A 182 18.02 3.76 -17.38
CA GLN A 182 17.73 2.41 -16.88
C GLN A 182 16.32 2.01 -17.21
N GLU A 183 15.99 0.81 -16.82
CA GLU A 183 14.65 0.27 -17.06
C GLU A 183 14.18 -0.47 -15.84
N ASN A 184 12.94 -0.21 -15.51
CA ASN A 184 12.29 -0.81 -14.33
C ASN A 184 10.79 -0.54 -14.34
N PRO A 185 10.01 -1.29 -13.54
CA PRO A 185 8.59 -1.00 -13.43
C PRO A 185 8.35 0.28 -12.67
N ILE A 186 7.23 0.92 -12.95
CA ILE A 186 6.98 2.25 -12.41
C ILE A 186 6.99 2.28 -10.88
N PHE A 187 6.57 1.19 -10.24
CA PHE A 187 6.41 1.24 -8.76
C PHE A 187 7.81 1.38 -8.14
N TRP A 188 8.77 0.88 -8.89
CA TRP A 188 10.18 0.84 -8.38
C TRP A 188 10.88 2.18 -8.63
N ILE A 189 10.49 2.76 -9.76
CA ILE A 189 10.99 4.06 -10.19
C ILE A 189 10.54 5.06 -9.14
N GLU A 190 9.30 4.85 -8.71
CA GLU A 190 8.68 5.76 -7.74
C GLU A 190 9.25 5.55 -6.36
N SER A 191 9.34 4.29 -5.97
CA SER A 191 9.68 3.95 -4.56
C SER A 191 11.16 4.24 -4.35
N GLY A 192 11.89 4.19 -5.45
CA GLY A 192 13.35 4.32 -5.45
C GLY A 192 13.79 5.75 -5.73
N GLY A 193 12.83 6.57 -6.05
CA GLY A 193 13.05 7.99 -6.38
C GLY A 193 13.91 8.21 -7.61
N LEU A 194 13.88 7.22 -8.49
CA LEU A 194 14.71 7.25 -9.70
C LEU A 194 14.36 8.45 -10.61
N TYR A 195 13.12 8.87 -10.50
CA TYR A 195 12.58 9.94 -11.36
C TYR A 195 13.28 11.26 -11.03
N GLU A 196 13.99 11.23 -9.92
CA GLU A 196 14.61 12.44 -9.36
C GLU A 196 15.88 12.72 -10.14
N VAL A 197 16.38 11.67 -10.76
CA VAL A 197 17.67 11.72 -11.41
C VAL A 197 17.63 11.18 -12.83
N SER A 198 16.47 10.66 -13.18
CA SER A 198 16.20 10.12 -14.52
C SER A 198 14.73 10.44 -14.91
N PRO A 199 14.48 11.68 -15.35
CA PRO A 199 13.14 12.24 -15.27
C PRO A 199 12.24 11.96 -16.47
N ASN A 200 12.86 11.46 -17.54
CA ASN A 200 12.12 11.16 -18.78
C ASN A 200 11.72 9.69 -18.88
N LEU A 201 10.43 9.48 -18.70
CA LEU A 201 9.87 8.12 -18.76
C LEU A 201 9.35 7.80 -20.15
N THR A 202 9.76 6.64 -20.65
CA THR A 202 9.21 6.14 -21.91
C THR A 202 8.62 4.73 -21.75
N PHE A 203 7.37 4.64 -22.12
CA PHE A 203 6.63 3.37 -22.11
C PHE A 203 6.78 2.73 -23.48
N THR A 204 7.68 1.76 -23.52
CA THR A 204 8.08 1.07 -24.76
C THR A 204 7.26 -0.20 -24.96
N SER A 205 6.61 -0.62 -23.88
CA SER A 205 5.80 -1.85 -23.91
C SER A 205 6.57 -3.12 -24.29
N HIS A 206 7.87 -3.12 -24.10
CA HIS A 206 8.72 -4.23 -24.61
C HIS A 206 8.75 -5.45 -23.69
N GLY A 207 8.21 -5.26 -22.50
CA GLY A 207 8.08 -6.35 -21.53
C GLY A 207 7.74 -6.03 -20.10
N TRP A 208 7.82 -7.09 -19.32
CA TRP A 208 7.43 -7.08 -17.92
C TRP A 208 8.58 -7.45 -17.04
N PHE A 209 8.66 -6.75 -15.93
CA PHE A 209 9.53 -7.18 -14.85
C PHE A 209 8.83 -8.32 -14.16
N THR A 210 9.50 -9.46 -14.20
CA THR A 210 9.04 -10.65 -13.50
C THR A 210 10.05 -11.16 -12.48
N THR A 211 9.53 -12.01 -11.64
CA THR A 211 10.34 -12.57 -10.54
C THR A 211 9.92 -13.96 -10.17
N ALA A 212 10.74 -14.54 -9.30
CA ALA A 212 10.52 -15.88 -8.87
C ALA A 212 10.89 -16.08 -7.41
N MET A 213 10.07 -16.88 -6.77
CA MET A 213 10.30 -17.31 -5.38
C MET A 213 10.50 -18.79 -5.33
N MET A 214 11.53 -19.16 -4.60
CA MET A 214 11.93 -20.53 -4.52
C MET A 214 12.52 -20.89 -3.19
N ALA A 215 12.61 -22.19 -3.03
CA ALA A 215 13.23 -22.82 -1.84
C ALA A 215 14.49 -23.57 -2.23
N ASN A 216 15.39 -23.65 -1.27
CA ASN A 216 16.51 -24.59 -1.34
C ASN A 216 15.89 -25.99 -1.48
N GLN A 217 16.34 -26.75 -2.46
CA GLN A 217 15.62 -28.00 -2.80
C GLN A 217 15.81 -29.09 -1.77
N ASP A 218 17.00 -29.15 -1.20
CA ASP A 218 17.30 -30.14 -0.14
C ASP A 218 16.44 -29.89 1.10
N PHE A 219 16.35 -28.62 1.43
CA PHE A 219 15.47 -28.15 2.51
C PHE A 219 14.04 -28.56 2.28
N TYR A 220 13.55 -28.23 1.11
CA TYR A 220 12.15 -28.50 0.75
C TYR A 220 11.83 -29.97 0.80
N GLU A 221 12.74 -30.71 0.21
CA GLU A 221 12.56 -32.17 0.06
C GLU A 221 12.65 -32.85 1.42
N GLY A 222 13.32 -32.13 2.31
CA GLY A 222 13.56 -32.57 3.68
C GLY A 222 12.40 -32.32 4.61
N LEU A 223 11.41 -31.58 4.12
CA LEU A 223 10.20 -31.25 4.91
C LEU A 223 9.19 -32.38 4.86
N SER A 224 8.43 -32.48 5.93
CA SER A 224 7.34 -33.46 6.03
C SER A 224 6.30 -33.10 5.00
N GLU A 225 5.48 -34.07 4.63
CA GLU A 225 4.44 -33.84 3.60
C GLU A 225 3.52 -32.71 4.03
N GLU A 226 3.35 -32.59 5.33
CA GLU A 226 2.45 -31.60 5.88
C GLU A 226 3.03 -30.22 5.61
N ASP A 227 4.32 -30.11 5.92
CA ASP A 227 5.05 -28.82 5.83
C ASP A 227 5.25 -28.41 4.37
N GLN A 228 5.30 -29.41 3.52
CA GLN A 228 5.43 -29.17 2.07
C GLN A 228 4.16 -28.51 1.58
N GLN A 229 3.04 -29.03 2.06
CA GLN A 229 1.73 -28.55 1.60
C GLN A 229 1.46 -27.15 2.14
N LEU A 230 2.07 -26.91 3.28
CA LEU A 230 1.96 -25.63 3.97
C LEU A 230 2.60 -24.58 3.07
N VAL A 231 3.82 -24.90 2.69
CA VAL A 231 4.66 -24.04 1.86
C VAL A 231 3.98 -23.75 0.53
N GLN A 232 3.39 -24.78 -0.04
CA GLN A 232 2.68 -24.62 -1.31
C GLN A 232 1.46 -23.74 -1.13
N ASP A 233 0.78 -23.97 -0.02
CA ASP A 233 -0.48 -23.27 0.26
C ASP A 233 -0.17 -21.80 0.48
N ALA A 234 0.98 -21.59 1.13
CA ALA A 234 1.40 -20.23 1.52
C ALA A 234 1.78 -19.45 0.27
N ALA A 235 2.42 -20.14 -0.66
CA ALA A 235 2.88 -19.51 -1.90
C ALA A 235 1.68 -19.12 -2.72
N ASP A 236 0.68 -19.98 -2.74
CA ASP A 236 -0.55 -19.70 -3.51
C ASP A 236 -1.25 -18.49 -2.90
N ALA A 237 -1.20 -18.38 -1.59
CA ALA A 237 -1.90 -17.29 -0.88
C ALA A 237 -1.21 -15.97 -1.16
N ALA A 238 0.11 -16.07 -1.15
CA ALA A 238 0.96 -14.88 -1.36
C ALA A 238 0.76 -14.38 -2.80
N TYR A 239 0.66 -15.34 -3.70
CA TYR A 239 0.55 -15.02 -5.11
C TYR A 239 -0.74 -14.24 -5.29
N ASP A 240 -1.79 -14.81 -4.72
CA ASP A 240 -3.12 -14.21 -4.84
C ASP A 240 -3.14 -12.79 -4.30
N HIS A 241 -2.46 -12.61 -3.19
CA HIS A 241 -2.47 -11.33 -2.46
C HIS A 241 -1.71 -10.30 -3.28
N THR A 242 -0.66 -10.79 -3.92
CA THR A 242 0.31 -9.94 -4.61
C THR A 242 -0.31 -9.48 -5.93
N ILE A 243 -1.03 -10.39 -6.57
CA ILE A 243 -1.73 -10.07 -7.82
C ILE A 243 -2.77 -8.99 -7.56
N GLU A 244 -3.37 -9.02 -6.38
CA GLU A 244 -4.40 -8.03 -6.05
C GLU A 244 -3.68 -6.71 -5.83
N HIS A 245 -2.50 -6.81 -5.26
CA HIS A 245 -1.72 -5.61 -4.89
C HIS A 245 -1.29 -4.84 -6.13
N ILE A 246 -0.96 -5.56 -7.20
CA ILE A 246 -0.37 -4.93 -8.39
C ILE A 246 -1.43 -4.34 -9.30
N LYS A 247 -2.67 -4.78 -9.14
CA LYS A 247 -3.75 -4.20 -9.94
C LYS A 247 -3.91 -2.73 -9.53
N GLY A 248 -3.61 -1.86 -10.48
CA GLY A 248 -3.73 -0.42 -10.32
C GLY A 248 -2.47 0.23 -9.78
N LEU A 249 -1.50 -0.61 -9.45
CA LEU A 249 -0.27 -0.12 -8.81
C LEU A 249 0.48 0.84 -9.71
N SER A 250 0.57 0.51 -10.99
CA SER A 250 1.42 1.32 -11.88
C SER A 250 0.80 2.69 -12.03
N GLU A 251 -0.52 2.69 -11.98
CA GLU A 251 -1.29 3.89 -12.24
C GLU A 251 -1.11 4.81 -11.03
N GLU A 252 -1.16 4.22 -9.83
CA GLU A 252 -1.01 4.96 -8.58
C GLU A 252 0.40 5.55 -8.47
N SER A 253 1.33 4.75 -8.93
CA SER A 253 2.76 5.09 -8.80
C SER A 253 3.09 6.30 -9.70
N LEU A 254 2.48 6.30 -10.88
CA LEU A 254 2.73 7.36 -11.87
C LEU A 254 2.18 8.64 -11.32
N GLU A 255 1.05 8.52 -10.65
CA GLU A 255 0.40 9.71 -10.07
C GLU A 255 1.26 10.30 -8.97
N LYS A 256 1.86 9.38 -8.22
CA LYS A 256 2.76 9.73 -7.14
C LYS A 256 3.94 10.52 -7.68
N ILE A 257 4.44 10.05 -8.80
CA ILE A 257 5.63 10.64 -9.43
C ILE A 257 5.32 12.07 -9.93
N LYS A 258 4.17 12.17 -10.58
CA LYS A 258 3.72 13.44 -11.15
C LYS A 258 3.50 14.45 -10.04
N ALA A 259 3.04 13.95 -8.91
CA ALA A 259 2.79 14.81 -7.77
C ALA A 259 4.11 15.33 -7.23
N ALA A 260 5.13 14.49 -7.32
CA ALA A 260 6.44 14.75 -6.65
C ALA A 260 7.39 15.63 -7.48
N SER A 261 7.22 15.57 -8.79
CA SER A 261 8.15 16.29 -9.70
C SER A 261 7.50 16.86 -10.92
N ASP A 262 7.76 18.15 -11.08
CA ASP A 262 7.26 18.92 -12.25
C ASP A 262 8.12 18.71 -13.49
N GLU A 263 9.26 18.09 -13.29
CA GLU A 263 10.26 17.92 -14.38
C GLU A 263 10.10 16.61 -15.11
N VAL A 264 9.28 15.74 -14.55
CA VAL A 264 9.08 14.41 -15.14
C VAL A 264 8.34 14.56 -16.48
N THR A 265 8.77 13.80 -17.47
CA THR A 265 8.06 13.75 -18.76
C THR A 265 7.67 12.32 -19.02
N VAL A 266 6.53 12.15 -19.66
CA VAL A 266 6.04 10.81 -20.03
C VAL A 266 5.84 10.73 -21.52
N THR A 267 6.51 9.75 -22.12
CA THR A 267 6.38 9.43 -23.54
C THR A 267 5.82 8.02 -23.70
N ARG A 268 4.75 7.90 -24.45
CA ARG A 268 4.17 6.58 -24.74
C ARG A 268 4.28 6.30 -26.23
N LEU A 269 4.92 5.18 -26.54
CA LEU A 269 5.26 4.85 -27.91
C LEU A 269 3.97 4.43 -28.58
N ASN A 270 3.73 5.01 -29.75
CA ASN A 270 2.60 4.59 -30.59
C ASN A 270 2.92 3.32 -31.36
N ASP A 271 1.93 2.88 -32.10
CA ASP A 271 1.98 1.53 -32.69
C ASP A 271 3.13 1.48 -33.67
N GLU A 272 3.34 2.61 -34.33
CA GLU A 272 4.34 2.72 -35.39
C GLU A 272 5.72 2.67 -34.77
N GLN A 273 5.84 3.38 -33.66
CA GLN A 273 7.15 3.54 -32.97
C GLN A 273 7.50 2.25 -32.30
N ILE A 274 6.47 1.53 -31.92
CA ILE A 274 6.64 0.21 -31.31
C ILE A 274 7.18 -0.78 -32.35
N GLN A 275 6.62 -0.74 -33.55
CA GLN A 275 7.02 -1.74 -34.56
C GLN A 275 8.52 -1.60 -34.84
N ALA A 276 9.02 -0.38 -34.70
CA ALA A 276 10.44 -0.09 -35.00
C ALA A 276 11.35 -0.79 -34.03
N PHE A 277 10.90 -0.84 -32.77
CA PHE A 277 11.66 -1.54 -31.72
C PHE A 277 11.48 -3.04 -31.89
N LYS A 278 10.30 -3.41 -32.33
CA LYS A 278 9.95 -4.83 -32.52
CA LYS A 278 9.95 -4.82 -32.51
C LYS A 278 10.80 -5.45 -33.62
N GLU A 279 11.28 -4.60 -34.51
CA GLU A 279 12.09 -5.04 -35.65
C GLU A 279 13.40 -5.63 -35.15
N ARG A 280 13.73 -5.27 -33.92
CA ARG A 280 15.04 -5.61 -33.33
C ARG A 280 15.01 -6.89 -32.51
N ALA A 281 13.79 -7.36 -32.31
CA ALA A 281 13.53 -8.51 -31.40
C ALA A 281 14.04 -9.87 -31.90
N PRO A 282 13.80 -10.19 -33.18
CA PRO A 282 14.18 -11.52 -33.64
C PRO A 282 15.65 -11.85 -33.41
N GLN A 283 16.50 -10.85 -33.43
CA GLN A 283 17.96 -11.07 -33.32
C GLN A 283 18.32 -11.49 -31.91
N VAL A 284 17.45 -11.10 -30.99
CA VAL A 284 17.65 -11.39 -29.57
C VAL A 284 17.17 -12.81 -29.32
N GLU A 285 16.10 -13.16 -30.03
CA GLU A 285 15.54 -14.49 -29.89
C GLU A 285 16.55 -15.49 -30.42
N GLU A 286 17.27 -15.09 -31.46
CA GLU A 286 18.23 -15.99 -32.13
C GLU A 286 19.36 -16.26 -31.17
N LYS A 287 19.78 -15.19 -30.50
CA LYS A 287 20.88 -15.27 -29.54
CA LYS A 287 20.87 -15.28 -29.54
C LYS A 287 20.47 -16.14 -28.36
N PHE A 288 19.21 -16.02 -27.98
CA PHE A 288 18.70 -16.79 -26.83
C PHE A 288 18.89 -18.28 -27.12
N ILE A 289 18.53 -18.63 -28.34
CA ILE A 289 18.54 -20.03 -28.77
C ILE A 289 19.98 -20.51 -28.87
N GLU A 290 20.86 -19.61 -29.26
CA GLU A 290 22.29 -19.95 -29.43
C GLU A 290 22.94 -20.17 -28.06
N MET A 291 22.28 -19.61 -27.06
CA MET A 291 22.75 -19.64 -25.65
C MET A 291 22.24 -20.85 -24.89
N THR A 292 21.19 -21.46 -25.41
CA THR A 292 20.39 -22.40 -24.63
C THR A 292 20.08 -23.70 -25.33
N GLY A 293 20.45 -23.76 -26.60
CA GLY A 293 20.29 -24.96 -27.44
C GLY A 293 18.88 -25.50 -27.58
N GLU A 294 18.80 -26.81 -27.67
CA GLU A 294 17.55 -27.51 -28.00
C GLU A 294 16.55 -27.36 -26.86
N GLN A 295 17.10 -27.29 -25.67
CA GLN A 295 16.32 -27.20 -24.43
C GLN A 295 15.63 -25.85 -24.43
N GLY A 296 16.35 -24.90 -25.02
CA GLY A 296 15.92 -23.51 -25.06
C GLY A 296 14.85 -23.35 -26.11
N GLN A 297 15.02 -24.07 -27.21
CA GLN A 297 14.06 -23.96 -28.31
C GLN A 297 12.73 -24.52 -27.84
N GLU A 298 12.83 -25.51 -26.97
CA GLU A 298 11.65 -26.28 -26.54
C GLU A 298 10.81 -25.40 -25.63
N LEU A 299 11.53 -24.67 -24.79
CA LEU A 299 10.89 -23.78 -23.81
C LEU A 299 10.22 -22.65 -24.55
N LEU A 300 10.93 -22.15 -25.54
CA LEU A 300 10.45 -20.97 -26.28
C LEU A 300 9.20 -21.35 -27.06
N ASP A 301 9.23 -22.56 -27.58
CA ASP A 301 8.12 -23.07 -28.37
C ASP A 301 6.87 -23.14 -27.48
N GLN A 302 7.08 -23.59 -26.26
CA GLN A 302 5.95 -23.80 -25.31
C GLN A 302 5.45 -22.45 -24.85
N PHE A 303 6.40 -21.56 -24.65
CA PHE A 303 6.14 -20.18 -24.18
C PHE A 303 5.21 -19.51 -25.18
N LYS A 304 5.62 -19.59 -26.43
CA LYS A 304 4.86 -18.97 -27.53
C LYS A 304 3.47 -19.59 -27.69
N ALA A 305 3.42 -20.89 -27.47
CA ALA A 305 2.16 -21.64 -27.60
C ALA A 305 1.20 -21.18 -26.51
N ASP A 306 1.78 -20.97 -25.34
CA ASP A 306 1.03 -20.64 -24.12
C ASP A 306 0.42 -19.26 -24.34
N LEU A 307 1.22 -18.41 -24.97
CA LEU A 307 0.85 -17.01 -25.21
C LEU A 307 -0.34 -16.98 -26.16
N LYS A 308 -0.18 -17.77 -27.19
CA LYS A 308 -1.20 -17.92 -28.23
C LYS A 308 -2.52 -18.33 -27.61
N ALA A 309 -2.42 -19.19 -26.61
CA ALA A 309 -3.61 -19.85 -26.03
C ALA A 309 -4.43 -18.86 -25.19
N VAL A 310 -3.75 -17.83 -24.72
CA VAL A 310 -4.37 -16.84 -23.82
C VAL A 310 -4.76 -15.61 -24.61
N GLN A 311 -4.47 -15.70 -25.89
CA GLN A 311 -4.82 -14.66 -26.85
C GLN A 311 -5.55 -15.25 -28.06
N ASP B 1 0.38 29.77 -5.81
CA ASP B 1 0.69 28.56 -6.60
C ASP B 1 -0.28 27.45 -6.29
N ASN B 2 0.16 26.24 -6.61
CA ASN B 2 -0.68 25.04 -6.49
C ASN B 2 -0.29 24.26 -5.25
N TRP B 3 -1.25 24.18 -4.37
CA TRP B 3 -1.13 23.40 -3.13
C TRP B 3 -1.79 22.03 -3.34
N ARG B 4 -1.11 20.97 -2.94
CA ARG B 4 -1.68 19.62 -2.99
C ARG B 4 -2.14 19.14 -1.61
N TYR B 5 -3.32 18.54 -1.63
CA TYR B 5 -4.05 18.09 -0.43
C TYR B 5 -4.58 16.67 -0.66
N ALA B 6 -4.27 15.76 0.26
CA ALA B 6 -4.74 14.38 0.17
C ALA B 6 -5.55 13.98 1.40
N HIS B 7 -6.62 13.21 1.14
CA HIS B 7 -7.42 12.60 2.21
C HIS B 7 -7.71 11.11 2.02
N GLU B 8 -8.45 10.57 2.96
CA GLU B 8 -8.56 9.12 3.15
C GLU B 8 -9.83 8.56 2.57
N GLU B 9 -10.69 9.44 2.06
CA GLU B 9 -12.07 9.03 1.71
C GLU B 9 -12.44 9.32 0.27
N TYR B 10 -13.68 9.02 -0.06
CA TYR B 10 -14.15 9.13 -1.44
C TYR B 10 -14.95 10.39 -1.67
N GLU B 11 -15.25 10.60 -2.93
CA GLU B 11 -16.06 11.74 -3.35
C GLU B 11 -17.32 11.75 -2.52
N GLY B 12 -17.62 12.90 -1.95
CA GLY B 12 -18.85 13.11 -1.17
C GLY B 12 -18.78 12.68 0.28
N ASP B 13 -17.71 11.99 0.63
CA ASP B 13 -17.52 11.54 2.03
C ASP B 13 -17.16 12.72 2.92
N VAL B 14 -17.19 12.49 4.21
CA VAL B 14 -17.07 13.61 5.17
C VAL B 14 -15.77 14.38 4.98
N GLN B 15 -14.68 13.65 4.86
CA GLN B 15 -13.35 14.28 4.68
C GLN B 15 -13.29 15.05 3.37
N ASP B 16 -14.07 14.59 2.40
CA ASP B 16 -14.08 15.24 1.07
C ASP B 16 -14.88 16.52 1.12
N VAL B 17 -15.98 16.50 1.87
CA VAL B 17 -16.79 17.69 2.09
C VAL B 17 -15.88 18.77 2.69
N PHE B 18 -15.05 18.35 3.63
CA PHE B 18 -14.16 19.30 4.35
C PHE B 18 -13.16 19.86 3.33
N ALA B 19 -12.51 18.93 2.63
CA ALA B 19 -11.45 19.30 1.65
C ALA B 19 -11.95 20.22 0.55
N GLN B 20 -13.15 19.95 0.06
CA GLN B 20 -13.67 20.73 -1.07
C GLN B 20 -14.06 22.13 -0.58
N ALA B 21 -14.41 22.21 0.69
CA ALA B 21 -14.78 23.49 1.31
C ALA B 21 -13.53 24.29 1.55
N PHE B 22 -12.50 23.59 1.94
CA PHE B 22 -11.18 24.22 2.18
C PHE B 22 -10.68 24.81 0.86
N LYS B 23 -10.71 23.96 -0.15
CA LYS B 23 -10.26 24.30 -1.52
C LYS B 23 -11.04 25.53 -1.96
N GLY B 24 -12.32 25.43 -1.71
CA GLY B 24 -13.28 26.48 -2.10
C GLY B 24 -12.91 27.83 -1.55
N TYR B 25 -12.57 27.83 -0.28
CA TYR B 25 -12.28 29.07 0.44
C TYR B 25 -10.96 29.65 -0.04
N VAL B 26 -9.98 28.78 -0.23
CA VAL B 26 -8.64 29.24 -0.63
C VAL B 26 -8.75 29.89 -2.00
N GLU B 27 -9.41 29.17 -2.87
CA GLU B 27 -9.54 29.58 -4.27
C GLU B 27 -10.43 30.82 -4.45
N ASP B 28 -11.37 31.01 -3.54
CA ASP B 28 -12.30 32.14 -3.64
C ASP B 28 -11.68 33.41 -3.11
N ASN B 29 -10.65 33.21 -2.31
CA ASN B 29 -10.12 34.29 -1.47
C ASN B 29 -8.65 34.58 -1.73
N SER B 30 -8.17 33.97 -2.80
CA SER B 30 -6.78 34.13 -3.22
C SER B 30 -6.52 33.63 -4.61
N ASP B 31 -5.25 33.62 -4.95
CA ASP B 31 -4.80 33.24 -6.29
C ASP B 31 -4.24 31.83 -6.30
N HIS B 32 -4.25 31.23 -5.13
CA HIS B 32 -3.73 29.87 -4.97
C HIS B 32 -4.79 28.90 -5.42
N THR B 33 -4.33 27.71 -5.75
CA THR B 33 -5.22 26.61 -6.06
C THR B 33 -4.92 25.44 -5.13
N VAL B 34 -5.96 24.67 -4.86
CA VAL B 34 -5.80 23.47 -4.07
C VAL B 34 -6.23 22.27 -4.87
N GLN B 35 -5.27 21.40 -5.09
CA GLN B 35 -5.50 20.15 -5.80
C GLN B 35 -5.71 19.04 -4.79
N VAL B 36 -6.93 18.53 -4.79
CA VAL B 36 -7.36 17.54 -3.80
C VAL B 36 -7.37 16.15 -4.39
N TYR B 37 -6.67 15.28 -3.68
CA TYR B 37 -6.58 13.87 -4.02
C TYR B 37 -7.38 13.02 -3.07
N ARG B 38 -8.26 12.22 -3.65
CA ARG B 38 -9.09 11.33 -2.89
C ARG B 38 -8.41 9.98 -2.72
N PHE B 39 -9.10 9.17 -1.94
CA PHE B 39 -8.59 7.86 -1.50
C PHE B 39 -8.02 7.08 -2.66
N GLY B 40 -6.82 6.56 -2.42
CA GLY B 40 -6.16 5.68 -3.35
C GLY B 40 -5.43 6.35 -4.51
N GLU B 41 -5.80 7.58 -4.82
CA GLU B 41 -5.16 8.32 -5.93
C GLU B 41 -3.64 8.37 -5.71
N LEU B 42 -3.26 8.49 -4.46
CA LEU B 42 -1.86 8.63 -4.10
C LEU B 42 -1.44 7.65 -3.02
N GLY B 43 -2.20 6.56 -2.94
CA GLY B 43 -2.00 5.55 -1.90
C GLY B 43 -2.96 5.73 -0.75
N GLU B 44 -2.74 4.92 0.27
CA GLU B 44 -3.63 4.93 1.44
C GLU B 44 -3.01 5.81 2.49
N SER B 45 -3.61 5.72 3.67
CA SER B 45 -3.41 6.73 4.69
C SER B 45 -1.93 6.89 5.03
N ASP B 46 -1.25 5.77 5.11
CA ASP B 46 0.13 5.80 5.61
C ASP B 46 1.00 6.47 4.54
N ASP B 47 0.60 6.25 3.30
CA ASP B 47 1.37 6.71 2.14
C ASP B 47 1.32 8.22 2.04
N ILE B 48 0.12 8.73 2.24
CA ILE B 48 -0.10 10.17 2.10
C ILE B 48 0.59 10.90 3.24
N MET B 49 0.62 10.30 4.42
CA MET B 49 1.33 10.95 5.53
C MET B 49 2.82 11.06 5.19
N GLU B 50 3.33 10.01 4.56
CA GLU B 50 4.77 9.94 4.20
C GLU B 50 5.12 11.01 3.18
N GLN B 51 4.19 11.19 2.24
CA GLN B 51 4.34 12.18 1.18
C GLN B 51 4.26 13.59 1.74
N THR B 52 3.55 13.74 2.85
CA THR B 52 3.37 15.06 3.42
C THR B 52 4.60 15.41 4.20
N GLN B 53 5.15 14.41 4.86
CA GLN B 53 6.37 14.62 5.65
C GLN B 53 7.54 14.91 4.73
N ASN B 54 7.45 14.30 3.55
CA ASN B 54 8.49 14.39 2.51
C ASN B 54 8.44 15.71 1.76
N GLY B 55 7.38 16.46 2.01
CA GLY B 55 7.17 17.77 1.40
C GLY B 55 6.46 17.77 0.05
N ILE B 56 6.09 16.58 -0.41
CA ILE B 56 5.42 16.43 -1.72
C ILE B 56 4.03 17.05 -1.65
N LEU B 57 3.33 16.67 -0.59
CA LEU B 57 2.01 17.22 -0.26
C LEU B 57 2.10 18.33 0.75
N GLN B 58 1.19 19.29 0.60
CA GLN B 58 1.21 20.45 1.47
C GLN B 58 0.23 20.24 2.63
N PHE B 59 -0.86 19.56 2.29
CA PHE B 59 -1.93 19.28 3.26
C PHE B 59 -2.36 17.84 3.22
N VAL B 60 -2.69 17.35 4.41
CA VAL B 60 -3.12 15.97 4.53
C VAL B 60 -4.16 15.84 5.62
N ASN B 61 -5.13 15.00 5.36
CA ASN B 61 -6.11 14.64 6.35
C ASN B 61 -5.85 13.19 6.73
N GLN B 62 -5.46 13.00 7.98
CA GLN B 62 -5.21 11.65 8.48
C GLN B 62 -5.83 11.43 9.84
N SER B 63 -6.56 10.33 9.95
CA SER B 63 -7.27 10.02 11.19
C SER B 63 -6.31 9.39 12.23
N PRO B 64 -6.54 9.66 13.54
CA PRO B 64 -5.66 9.14 14.60
C PRO B 64 -5.53 7.65 14.57
N GLY B 65 -6.52 7.04 13.93
CA GLY B 65 -6.60 5.59 13.81
C GLY B 65 -5.34 5.08 13.14
N PHE B 66 -4.77 5.95 12.33
CA PHE B 66 -3.51 5.68 11.64
C PHE B 66 -2.34 6.44 12.25
N THR B 67 -2.56 7.69 12.64
CA THR B 67 -1.46 8.53 13.10
C THR B 67 -0.96 8.02 14.43
N GLY B 68 -1.84 7.23 15.04
CA GLY B 68 -1.63 6.74 16.42
C GLY B 68 -0.42 5.82 16.46
N SER B 69 -0.02 5.40 15.29
CA SER B 69 1.16 4.51 15.14
C SER B 69 2.46 5.29 15.30
N LEU B 70 2.39 6.56 14.98
CA LEU B 70 3.60 7.41 14.92
C LEU B 70 3.61 8.47 16.01
N ILE B 71 2.41 8.82 16.43
CA ILE B 71 2.20 9.80 17.50
C ILE B 71 1.32 9.15 18.57
N PRO B 72 1.94 8.55 19.60
CA PRO B 72 1.19 7.65 20.47
C PRO B 72 0.04 8.31 21.18
N SER B 73 0.17 9.60 21.43
N SER B 73 0.18 9.60 21.41
CA SER B 73 -0.82 10.33 22.21
CA SER B 73 -0.81 10.36 22.19
C SER B 73 -2.11 10.43 21.43
C SER B 73 -2.13 10.36 21.42
N ALA B 74 -1.99 10.22 20.12
CA ALA B 74 -3.17 10.31 19.21
C ALA B 74 -4.14 9.19 19.50
N GLN B 75 -3.65 8.23 20.25
CA GLN B 75 -4.41 6.98 20.49
C GLN B 75 -5.51 7.17 21.53
N ILE B 76 -5.48 8.34 22.15
CA ILE B 76 -6.39 8.64 23.25
C ILE B 76 -7.85 8.46 22.83
N PHE B 77 -8.09 8.61 21.53
CA PHE B 77 -9.49 8.55 21.01
C PHE B 77 -10.07 7.18 20.96
N PHE B 78 -9.21 6.22 21.27
CA PHE B 78 -9.56 4.80 21.16
C PHE B 78 -9.78 4.17 22.53
N ILE B 79 -9.74 5.04 23.54
CA ILE B 79 -10.10 4.62 24.89
C ILE B 79 -11.61 4.55 24.90
N PRO B 80 -12.15 3.36 25.10
CA PRO B 80 -13.60 3.30 24.91
C PRO B 80 -14.36 3.95 26.04
N TYR B 81 -15.46 4.57 25.66
CA TYR B 81 -16.43 5.23 26.55
C TYR B 81 -15.87 6.48 27.20
N LEU B 82 -14.75 6.94 26.68
CA LEU B 82 -14.16 8.19 27.21
C LEU B 82 -14.89 9.42 26.68
N MET B 83 -15.24 9.36 25.39
CA MET B 83 -15.97 10.45 24.71
C MET B 83 -17.45 10.37 25.01
N PRO B 84 -18.15 11.50 24.96
CA PRO B 84 -19.61 11.41 25.10
C PRO B 84 -20.29 10.92 23.85
N THR B 85 -21.56 10.58 24.05
CA THR B 85 -22.36 9.85 23.06
C THR B 85 -23.06 10.78 22.10
N ASP B 86 -23.47 11.91 22.64
CA ASP B 86 -24.31 12.91 21.92
C ASP B 86 -23.47 13.86 21.08
N MET B 87 -23.93 14.07 19.85
CA MET B 87 -23.20 14.89 18.89
C MET B 87 -23.02 16.27 19.43
N ASP B 88 -24.06 16.75 20.08
CA ASP B 88 -24.07 18.14 20.54
C ASP B 88 -22.94 18.36 21.56
N THR B 89 -22.80 17.38 22.44
CA THR B 89 -21.77 17.43 23.46
C THR B 89 -20.40 17.29 22.80
N VAL B 90 -20.32 16.41 21.83
CA VAL B 90 -19.03 16.14 21.17
C VAL B 90 -18.60 17.42 20.48
N LEU B 91 -19.57 18.14 19.93
CA LEU B 91 -19.26 19.38 19.20
C LEU B 91 -18.66 20.41 20.13
N GLU B 92 -19.17 20.45 21.34
CA GLU B 92 -18.78 21.49 22.30
C GLU B 92 -17.36 21.18 22.74
N PHE B 93 -17.12 19.89 22.89
CA PHE B 93 -15.84 19.36 23.34
C PHE B 93 -14.79 19.81 22.34
N PHE B 94 -15.10 19.59 21.06
CA PHE B 94 -14.10 19.85 20.01
C PHE B 94 -13.78 21.32 19.92
N ASP B 95 -14.76 22.12 20.34
CA ASP B 95 -14.64 23.59 20.24
C ASP B 95 -13.83 24.15 21.41
N GLU B 96 -14.06 23.55 22.57
CA GLU B 96 -13.59 24.12 23.86
C GLU B 96 -12.38 23.41 24.47
N SER B 97 -12.18 22.17 24.09
CA SER B 97 -11.07 21.34 24.65
C SER B 97 -9.68 21.97 24.49
N LYS B 98 -8.99 22.08 25.63
CA LYS B 98 -7.57 22.55 25.67
C LYS B 98 -6.69 21.44 25.12
N ALA B 99 -7.16 20.23 25.31
CA ALA B 99 -6.43 19.06 24.83
C ALA B 99 -6.34 19.15 23.31
N ILE B 100 -7.49 19.35 22.71
CA ILE B 100 -7.64 19.35 21.24
C ILE B 100 -6.96 20.56 20.62
N ASN B 101 -7.15 21.70 21.26
CA ASN B 101 -6.88 23.00 20.63
C ASN B 101 -5.52 23.58 20.99
N GLU B 102 -4.99 23.09 22.11
CA GLU B 102 -3.68 23.56 22.60
C GLU B 102 -2.61 22.49 22.62
N MET B 103 -2.93 21.36 23.24
CA MET B 103 -1.93 20.33 23.53
C MET B 103 -1.59 19.52 22.29
N PHE B 104 -2.62 19.13 21.56
CA PHE B 104 -2.42 18.29 20.38
C PHE B 104 -1.55 18.97 19.31
N PRO B 105 -1.76 20.28 19.05
CA PRO B 105 -0.91 20.92 18.05
C PRO B 105 0.57 20.88 18.40
N LYS B 106 0.86 20.86 19.69
CA LYS B 106 2.27 20.85 20.14
C LYS B 106 2.87 19.52 19.83
N LEU B 107 2.01 18.53 19.96
CA LEU B 107 2.39 17.13 19.82
C LEU B 107 2.66 16.80 18.37
N TYR B 108 1.84 17.37 17.50
CA TYR B 108 1.95 17.11 16.04
C TYR B 108 3.18 17.86 15.54
N ALA B 109 3.43 18.98 16.20
CA ALA B 109 4.49 19.90 15.77
C ALA B 109 5.85 19.24 15.90
N GLU B 110 5.93 18.26 16.78
CA GLU B 110 7.20 17.61 17.11
C GLU B 110 7.53 16.64 16.00
N HIS B 111 6.56 16.48 15.12
CA HIS B 111 6.63 15.51 14.01
C HIS B 111 6.58 16.19 12.65
N GLY B 112 6.69 17.50 12.71
CA GLY B 112 6.86 18.34 11.54
C GLY B 112 5.56 18.58 10.82
N LEU B 113 4.51 18.48 11.62
CA LEU B 113 3.14 18.75 11.18
C LEU B 113 2.49 19.91 11.90
N GLU B 114 1.87 20.78 11.11
CA GLU B 114 1.07 21.88 11.62
C GLU B 114 -0.40 21.48 11.63
N LEU B 115 -0.89 21.19 12.82
CA LEU B 115 -2.28 20.75 13.02
C LEU B 115 -3.20 21.95 12.88
N LEU B 116 -4.09 21.83 11.92
CA LEU B 116 -4.99 22.93 11.58
C LEU B 116 -6.36 22.73 12.20
N LYS B 117 -6.81 21.49 12.18
CA LYS B 117 -8.15 21.13 12.65
C LYS B 117 -8.25 19.67 12.99
N MET B 118 -8.96 19.41 14.08
CA MET B 118 -9.47 18.05 14.37
C MET B 118 -10.96 18.15 14.42
N TYR B 119 -11.61 17.16 13.86
CA TYR B 119 -13.07 17.12 13.82
C TYR B 119 -13.66 15.71 13.86
N PRO B 120 -14.88 15.60 14.38
CA PRO B 120 -15.51 14.31 14.37
C PRO B 120 -16.22 14.06 13.09
N GLU B 121 -16.32 12.78 12.76
CA GLU B 121 -17.01 12.31 11.53
C GLU B 121 -18.34 11.65 11.83
N GLY B 122 -18.37 10.93 12.93
CA GLY B 122 -19.55 10.09 13.24
C GLY B 122 -19.29 9.06 14.31
N GLU B 123 -20.40 8.64 14.93
CA GLU B 123 -20.36 7.62 16.02
C GLU B 123 -19.86 6.34 15.41
N MET B 124 -18.97 5.64 16.13
CA MET B 124 -18.50 4.31 15.72
C MET B 124 -19.58 3.25 15.90
N VAL B 125 -19.75 2.49 14.83
CA VAL B 125 -20.71 1.39 14.83
C VAL B 125 -20.00 0.13 14.36
N VAL B 126 -20.27 -0.93 15.09
CA VAL B 126 -19.72 -2.24 14.76
C VAL B 126 -20.61 -2.93 13.77
N THR B 127 -19.97 -3.57 12.80
CA THR B 127 -20.69 -4.44 11.85
C THR B 127 -20.03 -5.77 11.77
N ALA B 128 -20.88 -6.79 11.71
CA ALA B 128 -20.43 -8.17 11.75
C ALA B 128 -21.41 -9.17 11.13
N ASP B 129 -21.03 -10.43 11.24
CA ASP B 129 -21.79 -11.54 10.65
C ASP B 129 -22.91 -11.97 11.59
N GLU B 130 -22.96 -11.27 12.71
CA GLU B 130 -24.09 -11.39 13.66
C GLU B 130 -24.16 -10.23 14.66
N PRO B 131 -25.29 -10.06 15.34
CA PRO B 131 -25.31 -9.01 16.35
C PRO B 131 -24.37 -9.32 17.47
N ILE B 132 -23.79 -8.28 18.01
CA ILE B 132 -22.85 -8.40 19.13
C ILE B 132 -23.39 -7.66 20.32
N THR B 133 -23.93 -8.40 21.27
CA THR B 133 -24.65 -7.79 22.39
C THR B 133 -23.82 -7.80 23.67
N SER B 134 -22.67 -8.44 23.55
CA SER B 134 -21.80 -8.70 24.69
C SER B 134 -20.38 -9.11 24.32
N PRO B 135 -19.46 -8.99 25.26
CA PRO B 135 -18.09 -9.43 25.03
C PRO B 135 -18.04 -10.88 24.59
N GLU B 136 -18.99 -11.64 25.09
CA GLU B 136 -19.02 -13.09 24.80
C GLU B 136 -19.27 -13.26 23.31
N ASP B 137 -20.05 -12.34 22.77
CA ASP B 137 -20.44 -12.40 21.35
C ASP B 137 -19.23 -12.15 20.43
N PHE B 138 -18.22 -11.49 21.00
CA PHE B 138 -16.99 -11.14 20.26
C PHE B 138 -16.04 -12.32 20.15
N ASP B 139 -16.34 -13.35 20.93
CA ASP B 139 -15.41 -14.48 21.07
C ASP B 139 -15.02 -15.07 19.73
N ASN B 140 -13.72 -15.08 19.49
CA ASN B 140 -13.11 -15.68 18.30
C ASN B 140 -13.51 -14.99 17.01
N LYS B 141 -14.14 -13.84 17.18
CA LYS B 141 -14.45 -12.96 16.04
C LYS B 141 -13.23 -12.11 15.66
N LYS B 142 -12.82 -12.26 14.41
CA LYS B 142 -11.75 -11.44 13.82
C LYS B 142 -12.33 -10.09 13.39
N ILE B 143 -12.07 -9.09 14.18
CA ILE B 143 -12.56 -7.74 13.96
C ILE B 143 -11.44 -6.85 13.46
N ARG B 144 -11.65 -6.33 12.26
CA ARG B 144 -10.70 -5.41 11.65
C ARG B 144 -10.64 -4.11 12.40
N THR B 145 -9.41 -3.65 12.60
CA THR B 145 -9.14 -2.33 13.15
C THR B 145 -8.20 -1.55 12.26
N MET B 146 -8.26 -0.24 12.42
CA MET B 146 -7.20 0.66 11.92
C MET B 146 -5.90 0.27 12.58
N THR B 147 -4.83 0.77 12.03
CA THR B 147 -3.50 0.29 12.35
C THR B 147 -2.85 1.18 13.36
N ASN B 148 -3.34 1.08 14.59
CA ASN B 148 -2.64 1.62 15.78
C ASN B 148 -2.70 0.64 16.97
N PRO B 149 -1.64 0.62 17.80
CA PRO B 149 -1.55 -0.40 18.86
C PRO B 149 -2.77 -0.41 19.79
N LEU B 150 -3.20 0.76 20.21
CA LEU B 150 -4.18 0.80 21.30
C LEU B 150 -5.53 0.25 20.87
N LEU B 151 -5.85 0.46 19.61
CA LEU B 151 -7.17 0.08 19.09
C LEU B 151 -7.24 -1.44 19.17
N ALA B 152 -6.09 -2.05 18.93
CA ALA B 152 -5.97 -3.51 18.99
C ALA B 152 -6.34 -3.94 20.40
N GLU B 153 -5.74 -3.23 21.33
CA GLU B 153 -5.92 -3.55 22.76
C GLU B 153 -7.38 -3.40 23.16
N THR B 154 -8.02 -2.46 22.51
CA THR B 154 -9.41 -2.16 22.85
C THR B 154 -10.24 -3.37 22.52
N TYR B 155 -10.03 -3.87 21.31
CA TYR B 155 -10.87 -4.95 20.80
C TYR B 155 -10.55 -6.26 21.48
N LYS B 156 -9.32 -6.34 21.99
CA LYS B 156 -8.90 -7.53 22.74
C LYS B 156 -9.63 -7.48 24.07
N ALA B 157 -9.82 -6.27 24.56
CA ALA B 157 -10.43 -6.07 25.89
C ALA B 157 -11.88 -6.47 25.78
N PHE B 158 -12.43 -6.20 24.61
CA PHE B 158 -13.88 -6.40 24.35
C PHE B 158 -14.18 -7.85 24.06
N GLY B 159 -13.09 -8.60 23.99
CA GLY B 159 -13.11 -10.05 23.77
C GLY B 159 -12.89 -10.55 22.35
N ALA B 160 -12.63 -9.63 21.44
CA ALA B 160 -12.41 -9.97 20.02
C ALA B 160 -10.99 -10.36 19.73
N THR B 161 -10.80 -10.76 18.47
CA THR B 161 -9.48 -11.03 17.91
C THR B 161 -9.15 -9.92 16.92
N PRO B 162 -8.36 -8.92 17.35
CA PRO B 162 -8.15 -7.77 16.49
C PRO B 162 -7.24 -8.08 15.33
N THR B 163 -7.66 -7.58 14.18
CA THR B 163 -6.92 -7.78 12.95
C THR B 163 -6.67 -6.45 12.24
N PRO B 164 -5.52 -5.83 12.50
CA PRO B 164 -5.32 -4.53 11.86
C PRO B 164 -5.05 -4.65 10.38
N LEU B 165 -5.77 -3.82 9.62
CA LEU B 165 -5.64 -3.79 8.15
C LEU B 165 -5.87 -2.39 7.58
N PRO B 166 -5.14 -2.03 6.52
CA PRO B 166 -5.46 -0.85 5.72
C PRO B 166 -6.85 -0.94 5.10
N TRP B 167 -7.47 0.21 4.93
CA TRP B 167 -8.88 0.25 4.53
C TRP B 167 -9.10 -0.56 3.25
N GLY B 168 -8.09 -0.54 2.41
CA GLY B 168 -8.22 -1.05 1.04
C GLY B 168 -8.47 -2.54 0.99
N GLU B 169 -8.18 -3.18 2.12
CA GLU B 169 -8.27 -4.65 2.22
C GLU B 169 -9.55 -5.16 2.90
N VAL B 170 -10.36 -4.22 3.36
CA VAL B 170 -11.44 -4.55 4.29
C VAL B 170 -12.67 -5.17 3.62
N TYR B 171 -13.10 -4.56 2.55
CA TYR B 171 -14.30 -5.04 1.86
C TYR B 171 -14.11 -6.49 1.42
N GLY B 172 -12.99 -6.70 0.77
CA GLY B 172 -12.57 -8.05 0.30
C GLY B 172 -12.43 -9.05 1.43
N GLY B 173 -11.88 -8.55 2.52
CA GLY B 173 -11.62 -9.36 3.71
C GLY B 173 -12.92 -9.89 4.27
N LEU B 174 -13.94 -9.05 4.21
CA LEU B 174 -15.22 -9.38 4.81
C LEU B 174 -15.88 -10.41 3.91
N GLN B 175 -15.58 -10.27 2.64
CA GLN B 175 -16.33 -11.02 1.62
C GLN B 175 -15.89 -12.47 1.68
N THR B 176 -14.61 -12.62 1.92
CA THR B 176 -13.94 -13.93 1.81
C THR B 176 -13.77 -14.55 3.18
N GLY B 177 -14.25 -13.81 4.17
CA GLY B 177 -14.34 -14.32 5.54
C GLY B 177 -13.05 -14.26 6.32
N ILE B 178 -12.08 -13.60 5.73
CA ILE B 178 -10.78 -13.38 6.39
C ILE B 178 -10.94 -12.56 7.68
N ILE B 179 -11.95 -11.70 7.65
CA ILE B 179 -12.36 -10.94 8.84
C ILE B 179 -13.86 -11.12 8.97
N ASP B 180 -14.34 -11.03 10.21
CA ASP B 180 -15.74 -11.29 10.56
C ASP B 180 -16.52 -10.01 10.82
N GLY B 181 -15.77 -8.94 10.97
CA GLY B 181 -16.37 -7.66 11.28
C GLY B 181 -15.41 -6.51 11.27
N GLN B 182 -16.00 -5.37 11.54
CA GLN B 182 -15.25 -4.09 11.59
C GLN B 182 -16.08 -3.04 12.26
N GLU B 183 -15.47 -1.88 12.36
CA GLU B 183 -16.08 -0.73 13.04
C GLU B 183 -15.81 0.56 12.28
N ASN B 184 -16.87 1.33 12.10
CA ASN B 184 -16.82 2.57 11.35
C ASN B 184 -18.10 3.39 11.52
N PRO B 185 -18.07 4.67 11.13
CA PRO B 185 -19.33 5.37 11.18
C PRO B 185 -20.28 4.94 10.07
N ILE B 186 -21.56 5.21 10.33
CA ILE B 186 -22.63 4.75 9.48
C ILE B 186 -22.48 5.31 8.07
N PHE B 187 -22.01 6.54 7.98
CA PHE B 187 -22.01 7.23 6.67
C PHE B 187 -21.06 6.45 5.78
N TRP B 188 -20.03 5.91 6.42
CA TRP B 188 -18.93 5.22 5.68
C TRP B 188 -19.37 3.80 5.32
N ILE B 189 -20.09 3.20 6.25
CA ILE B 189 -20.67 1.88 6.05
C ILE B 189 -21.61 1.95 4.86
N GLU B 190 -22.33 3.06 4.79
CA GLU B 190 -23.34 3.24 3.73
C GLU B 190 -22.63 3.44 2.41
N SER B 191 -21.79 4.46 2.40
CA SER B 191 -21.22 4.96 1.16
C SER B 191 -20.34 3.89 0.52
N GLY B 192 -19.79 3.05 1.37
CA GLY B 192 -18.80 2.02 0.99
C GLY B 192 -19.46 0.69 0.66
N GLY B 193 -20.75 0.66 0.93
CA GLY B 193 -21.56 -0.55 0.69
C GLY B 193 -21.16 -1.73 1.54
N LEU B 194 -20.63 -1.42 2.71
CA LEU B 194 -20.12 -2.46 3.63
C LEU B 194 -21.19 -3.40 4.12
N TYR B 195 -22.40 -2.89 4.07
CA TYR B 195 -23.56 -3.55 4.68
C TYR B 195 -23.91 -4.74 3.85
N GLU B 196 -23.32 -4.75 2.66
CA GLU B 196 -23.60 -5.81 1.68
C GLU B 196 -22.85 -7.06 2.08
N VAL B 197 -21.79 -6.84 2.85
CA VAL B 197 -20.85 -7.92 3.22
C VAL B 197 -20.75 -8.12 4.73
N SER B 198 -21.32 -7.16 5.45
CA SER B 198 -21.33 -7.17 6.92
C SER B 198 -22.66 -6.56 7.42
N PRO B 199 -23.73 -7.38 7.48
CA PRO B 199 -25.03 -6.76 7.48
C PRO B 199 -25.63 -6.55 8.84
N ASN B 200 -24.92 -6.98 9.87
CA ASN B 200 -25.43 -6.79 11.24
C ASN B 200 -24.73 -5.65 11.93
N LEU B 201 -25.51 -4.60 12.16
CA LEU B 201 -25.05 -3.36 12.79
C LEU B 201 -25.35 -3.36 14.27
N THR B 202 -24.33 -3.04 15.06
CA THR B 202 -24.51 -2.87 16.51
C THR B 202 -24.00 -1.50 17.00
N PHE B 203 -24.91 -0.76 17.62
CA PHE B 203 -24.62 0.51 18.26
C PHE B 203 -24.16 0.28 19.68
N THR B 204 -22.85 0.36 19.85
CA THR B 204 -22.20 0.05 21.13
C THR B 204 -21.89 1.31 21.94
N SER B 205 -21.89 2.44 21.22
CA SER B 205 -21.75 3.77 21.81
C SER B 205 -20.40 3.99 22.47
N HIS B 206 -19.41 3.21 22.03
CA HIS B 206 -18.09 3.23 22.69
C HIS B 206 -17.18 4.35 22.22
N GLY B 207 -17.58 5.02 21.16
CA GLY B 207 -16.88 6.26 20.76
C GLY B 207 -17.16 6.83 19.40
N TRP B 208 -16.23 7.67 18.99
CA TRP B 208 -16.37 8.49 17.80
C TRP B 208 -15.23 8.29 16.83
N PHE B 209 -15.58 8.22 15.55
CA PHE B 209 -14.55 8.28 14.52
C PHE B 209 -14.17 9.76 14.34
N THR B 210 -12.92 10.07 14.62
CA THR B 210 -12.46 11.44 14.49
C THR B 210 -11.33 11.50 13.49
N THR B 211 -10.97 12.72 13.15
CA THR B 211 -9.95 12.92 12.11
C THR B 211 -9.28 14.24 12.27
N ALA B 212 -8.24 14.41 11.49
CA ALA B 212 -7.37 15.58 11.62
C ALA B 212 -6.83 16.03 10.30
N MET B 213 -6.77 17.35 10.13
CA MET B 213 -6.22 17.98 8.93
C MET B 213 -5.00 18.84 9.34
N MET B 214 -3.95 18.64 8.60
CA MET B 214 -2.69 19.33 8.86
C MET B 214 -1.97 19.68 7.60
N ALA B 215 -0.96 20.49 7.83
CA ALA B 215 -0.06 20.98 6.79
C ALA B 215 1.35 20.56 7.17
N ASN B 216 2.15 20.32 6.14
CA ASN B 216 3.60 20.19 6.32
C ASN B 216 4.05 21.48 7.00
N GLN B 217 4.79 21.34 8.10
CA GLN B 217 5.10 22.49 8.97
C GLN B 217 6.09 23.44 8.31
N ASP B 218 7.06 22.86 7.64
CA ASP B 218 8.07 23.70 6.97
C ASP B 218 7.36 24.53 5.89
N PHE B 219 6.45 23.87 5.19
CA PHE B 219 5.62 24.55 4.18
C PHE B 219 4.89 25.69 4.84
N TYR B 220 4.25 25.39 5.95
CA TYR B 220 3.32 26.37 6.56
C TYR B 220 4.09 27.58 7.06
N GLU B 221 5.28 27.31 7.57
CA GLU B 221 6.06 28.34 8.25
C GLU B 221 6.69 29.26 7.22
N GLY B 222 6.71 28.74 6.01
CA GLY B 222 7.32 29.41 4.86
C GLY B 222 6.37 30.35 4.17
N LEU B 223 5.10 30.19 4.50
CA LEU B 223 4.05 31.06 3.98
C LEU B 223 4.20 32.44 4.58
N SER B 224 3.61 33.39 3.90
CA SER B 224 3.49 34.76 4.40
C SER B 224 2.42 34.81 5.47
N GLU B 225 2.53 35.80 6.33
CA GLU B 225 1.54 35.99 7.40
CA GLU B 225 1.54 35.99 7.40
C GLU B 225 0.16 35.95 6.77
N GLU B 226 0.08 36.56 5.61
CA GLU B 226 -1.20 36.71 4.90
C GLU B 226 -1.75 35.35 4.47
N ASP B 227 -0.84 34.51 4.01
CA ASP B 227 -1.22 33.18 3.50
C ASP B 227 -1.46 32.21 4.63
N GLN B 228 -0.71 32.41 5.70
CA GLN B 228 -0.91 31.58 6.91
C GLN B 228 -2.34 31.81 7.39
N GLN B 229 -2.75 33.07 7.35
CA GLN B 229 -4.07 33.47 7.85
C GLN B 229 -5.15 32.93 6.94
N LEU B 230 -4.78 32.84 5.68
CA LEU B 230 -5.71 32.36 4.64
C LEU B 230 -6.03 30.91 4.95
N VAL B 231 -4.98 30.21 5.30
CA VAL B 231 -5.05 28.76 5.54
C VAL B 231 -5.88 28.49 6.81
N GLN B 232 -5.67 29.33 7.80
CA GLN B 232 -6.43 29.22 9.06
C GLN B 232 -7.90 29.47 8.81
N ASP B 233 -8.15 30.50 8.03
CA ASP B 233 -9.52 30.95 7.81
C ASP B 233 -10.23 29.91 6.97
N ALA B 234 -9.46 29.31 6.08
CA ALA B 234 -10.00 28.25 5.18
C ALA B 234 -10.36 27.00 6.00
N ALA B 235 -9.49 26.69 6.95
CA ALA B 235 -9.72 25.50 7.78
C ALA B 235 -10.97 25.74 8.62
N ASP B 236 -11.11 26.97 9.07
CA ASP B 236 -12.24 27.36 9.97
C ASP B 236 -13.53 27.25 9.16
N ALA B 237 -13.45 27.67 7.92
CA ALA B 237 -14.63 27.64 7.03
C ALA B 237 -15.04 26.22 6.75
N ALA B 238 -14.03 25.39 6.52
CA ALA B 238 -14.28 23.99 6.14
C ALA B 238 -14.92 23.26 7.31
N TYR B 239 -14.47 23.65 8.49
CA TYR B 239 -14.91 22.98 9.71
C TYR B 239 -16.40 23.25 9.86
N ASP B 240 -16.75 24.51 9.66
CA ASP B 240 -18.15 24.93 9.91
C ASP B 240 -19.08 24.23 8.91
N HIS B 241 -18.61 24.14 7.70
CA HIS B 241 -19.40 23.56 6.61
C HIS B 241 -19.60 22.06 6.84
N THR B 242 -18.56 21.45 7.39
CA THR B 242 -18.54 20.00 7.58
C THR B 242 -19.42 19.63 8.75
N ILE B 243 -19.36 20.45 9.80
CA ILE B 243 -20.21 20.24 10.98
C ILE B 243 -21.67 20.27 10.57
N GLU B 244 -21.96 21.17 9.65
CA GLU B 244 -23.34 21.31 9.14
C GLU B 244 -23.74 20.06 8.38
N HIS B 245 -22.78 19.55 7.63
CA HIS B 245 -22.99 18.39 6.78
C HIS B 245 -23.25 17.13 7.60
N ILE B 246 -22.57 17.01 8.73
CA ILE B 246 -22.66 15.76 9.48
C ILE B 246 -23.91 15.72 10.34
N LYS B 247 -24.52 16.87 10.51
CA LYS B 247 -25.76 16.94 11.29
C LYS B 247 -26.83 16.17 10.55
N GLY B 248 -27.31 15.14 11.21
CA GLY B 248 -28.37 14.27 10.68
C GLY B 248 -27.85 13.23 9.71
N LEU B 249 -26.55 13.28 9.47
CA LEU B 249 -25.95 12.42 8.45
C LEU B 249 -26.13 10.95 8.81
N SER B 250 -25.88 10.64 10.07
CA SER B 250 -25.86 9.24 10.50
C SER B 250 -27.25 8.65 10.31
N GLU B 251 -28.23 9.46 10.64
CA GLU B 251 -29.63 8.98 10.65
C GLU B 251 -30.04 8.74 9.21
N GLU B 252 -29.64 9.68 8.38
CA GLU B 252 -30.03 9.65 6.98
C GLU B 252 -29.40 8.44 6.34
N SER B 253 -28.18 8.20 6.75
CA SER B 253 -27.34 7.14 6.18
C SER B 253 -27.90 5.77 6.55
N LEU B 254 -28.37 5.68 7.78
CA LEU B 254 -28.93 4.44 8.27
C LEU B 254 -30.21 4.14 7.50
N GLU B 255 -30.96 5.18 7.21
CA GLU B 255 -32.24 5.02 6.49
C GLU B 255 -31.94 4.51 5.06
N LYS B 256 -30.84 5.01 4.50
CA LYS B 256 -30.43 4.60 3.15
C LYS B 256 -30.10 3.12 3.11
N ILE B 257 -29.48 2.70 4.18
CA ILE B 257 -28.96 1.34 4.27
C ILE B 257 -30.12 0.38 4.34
N LYS B 258 -31.13 0.75 5.12
CA LYS B 258 -32.25 -0.15 5.38
C LYS B 258 -33.04 -0.33 4.10
N ALA B 259 -32.90 0.65 3.23
CA ALA B 259 -33.62 0.66 1.95
C ALA B 259 -32.91 -0.21 0.92
N ALA B 260 -31.60 -0.16 0.99
CA ALA B 260 -30.77 -0.84 0.03
C ALA B 260 -30.90 -2.34 0.22
N SER B 261 -31.16 -2.73 1.46
CA SER B 261 -30.93 -4.13 1.86
C SER B 261 -31.89 -4.75 2.86
N ASP B 262 -32.43 -5.89 2.44
CA ASP B 262 -33.41 -6.63 3.25
C ASP B 262 -32.77 -7.34 4.40
N GLU B 263 -31.46 -7.49 4.26
CA GLU B 263 -30.70 -8.43 5.08
C GLU B 263 -30.15 -7.75 6.32
N VAL B 264 -30.18 -6.43 6.29
CA VAL B 264 -29.56 -5.62 7.37
C VAL B 264 -30.37 -5.73 8.65
N THR B 265 -29.62 -5.92 9.73
CA THR B 265 -30.16 -5.88 11.08
C THR B 265 -29.48 -4.78 11.86
N VAL B 266 -30.24 -4.22 12.77
CA VAL B 266 -29.72 -3.16 13.65
C VAL B 266 -30.05 -3.49 15.08
N THR B 267 -29.02 -3.43 15.90
CA THR B 267 -29.14 -3.73 17.33
C THR B 267 -28.58 -2.55 18.12
N ARG B 268 -29.34 -2.09 19.08
CA ARG B 268 -28.90 -1.01 19.92
C ARG B 268 -28.80 -1.50 21.35
N LEU B 269 -27.59 -1.44 21.87
CA LEU B 269 -27.30 -1.99 23.21
C LEU B 269 -28.06 -1.26 24.26
N ASN B 270 -28.65 -2.04 25.15
CA ASN B 270 -29.27 -1.48 26.36
C ASN B 270 -28.23 -1.14 27.39
N ASP B 271 -28.69 -0.50 28.44
CA ASP B 271 -27.75 0.17 29.37
C ASP B 271 -26.91 -0.86 30.12
N GLU B 272 -27.51 -2.00 30.40
CA GLU B 272 -26.83 -3.10 31.12
C GLU B 272 -25.75 -3.69 30.19
N GLN B 273 -26.10 -3.73 28.92
CA GLN B 273 -25.24 -4.34 27.89
C GLN B 273 -24.04 -3.42 27.70
N ILE B 274 -24.32 -2.13 27.77
CA ILE B 274 -23.27 -1.09 27.63
C ILE B 274 -22.34 -1.21 28.83
N GLN B 275 -22.95 -1.40 29.99
CA GLN B 275 -22.17 -1.42 31.22
C GLN B 275 -21.12 -2.50 31.14
N ALA B 276 -21.47 -3.57 30.46
CA ALA B 276 -20.62 -4.78 30.43
C ALA B 276 -19.37 -4.47 29.66
N PHE B 277 -19.53 -3.63 28.66
CA PHE B 277 -18.36 -3.23 27.83
C PHE B 277 -17.59 -2.14 28.55
N LYS B 278 -18.33 -1.30 29.26
CA LYS B 278 -17.72 -0.15 29.94
C LYS B 278 -16.71 -0.64 30.98
N GLU B 279 -16.94 -1.85 31.43
CA GLU B 279 -16.18 -2.43 32.54
C GLU B 279 -14.84 -2.94 32.03
N ARG B 280 -14.72 -2.99 30.71
CA ARG B 280 -13.49 -3.43 30.05
C ARG B 280 -12.60 -2.25 29.76
N ALA B 281 -13.16 -1.06 29.93
CA ALA B 281 -12.46 0.18 29.54
C ALA B 281 -11.20 0.48 30.39
N PRO B 282 -11.27 0.27 31.71
CA PRO B 282 -10.13 0.67 32.55
C PRO B 282 -8.81 0.07 32.11
N GLN B 283 -8.86 -1.15 31.63
CA GLN B 283 -7.62 -1.88 31.27
C GLN B 283 -6.96 -1.25 30.03
N VAL B 284 -7.80 -0.64 29.22
CA VAL B 284 -7.33 0.04 28.01
C VAL B 284 -6.72 1.36 28.40
N GLU B 285 -7.39 2.07 29.30
CA GLU B 285 -6.88 3.34 29.75
C GLU B 285 -5.48 3.15 30.36
N GLU B 286 -5.30 2.02 31.05
CA GLU B 286 -4.02 1.80 31.73
C GLU B 286 -2.94 1.52 30.71
N LYS B 287 -3.33 0.82 29.67
CA LYS B 287 -2.40 0.51 28.58
C LYS B 287 -1.98 1.78 27.87
N PHE B 288 -2.95 2.67 27.71
CA PHE B 288 -2.68 3.99 27.13
C PHE B 288 -1.60 4.72 27.92
N ILE B 289 -1.75 4.71 29.23
CA ILE B 289 -0.81 5.43 30.11
C ILE B 289 0.58 4.81 30.06
N GLU B 290 0.61 3.51 29.89
CA GLU B 290 1.90 2.77 29.84
C GLU B 290 2.64 3.16 28.56
N MET B 291 1.86 3.37 27.52
CA MET B 291 2.39 3.58 26.16
C MET B 291 2.95 4.97 26.04
N THR B 292 2.36 5.88 26.81
CA THR B 292 2.54 7.32 26.60
C THR B 292 3.18 8.04 27.77
N GLY B 293 3.25 7.36 28.89
CA GLY B 293 3.89 7.89 30.10
C GLY B 293 3.32 9.19 30.63
N GLU B 294 4.22 10.00 31.17
CA GLU B 294 3.86 11.24 31.85
C GLU B 294 3.05 12.17 30.95
N GLN B 295 3.57 12.38 29.76
CA GLN B 295 2.93 13.28 28.79
C GLN B 295 1.50 12.86 28.60
N GLY B 296 1.33 11.55 28.58
CA GLY B 296 0.06 10.94 28.23
C GLY B 296 -0.90 11.15 29.37
N GLN B 297 -0.36 11.07 30.57
CA GLN B 297 -1.17 11.23 31.77
C GLN B 297 -1.70 12.64 31.79
N GLU B 298 -0.87 13.57 31.38
CA GLU B 298 -1.23 15.01 31.47
C GLU B 298 -2.30 15.28 30.43
N LEU B 299 -2.13 14.63 29.30
CA LEU B 299 -3.00 14.85 28.16
C LEU B 299 -4.37 14.33 28.54
N LEU B 300 -4.33 13.21 29.24
CA LEU B 300 -5.53 12.44 29.58
C LEU B 300 -6.26 13.21 30.67
N ASP B 301 -5.47 13.81 31.53
CA ASP B 301 -5.99 14.69 32.59
C ASP B 301 -6.83 15.79 31.99
N GLN B 302 -6.20 16.44 31.04
CA GLN B 302 -6.78 17.62 30.41
C GLN B 302 -8.03 17.24 29.60
N PHE B 303 -7.94 16.07 28.98
CA PHE B 303 -9.05 15.55 28.12
C PHE B 303 -10.23 15.40 29.06
N LYS B 304 -9.92 14.85 30.22
CA LYS B 304 -10.94 14.52 31.23
C LYS B 304 -11.55 15.77 31.84
N ALA B 305 -10.71 16.78 32.04
CA ALA B 305 -11.16 18.09 32.58
C ALA B 305 -12.08 18.71 31.55
N ASP B 306 -11.69 18.52 30.30
CA ASP B 306 -12.39 19.13 29.16
C ASP B 306 -13.79 18.57 29.07
N LEU B 307 -13.89 17.28 29.32
CA LEU B 307 -15.16 16.55 29.19
C LEU B 307 -16.11 16.96 30.30
N LYS B 308 -15.51 17.17 31.46
CA LYS B 308 -16.28 17.48 32.66
C LYS B 308 -16.92 18.85 32.47
N ALA B 309 -16.19 19.68 31.74
CA ALA B 309 -16.53 21.10 31.58
C ALA B 309 -17.70 21.28 30.61
N VAL B 310 -17.98 20.24 29.84
CA VAL B 310 -19.05 20.34 28.83
C VAL B 310 -20.19 19.40 29.17
N GLN B 311 -20.06 18.82 30.35
CA GLN B 311 -21.06 17.86 30.88
C GLN B 311 -22.18 18.60 31.63
#